data_4FE7
#
_entry.id   4FE7
#
_cell.length_a   70.071
_cell.length_b   70.071
_cell.length_c   215.403
_cell.angle_alpha   90.00
_cell.angle_beta   90.00
_cell.angle_gamma   90.00
#
_symmetry.space_group_name_H-M   'P 41 21 2'
#
loop_
_entity.id
_entity.type
_entity.pdbx_description
1 polymer 'Xylose operon regulatory protein'
2 non-polymer alpha-D-xylopyranose
3 water water
#
_entity_poly.entity_id   1
_entity_poly.type   'polypeptide(L)'
_entity_poly.pdbx_seq_one_letter_code
;MGSSHHHHHHSSGLVPRGSHMFTKRHRITLLFNANKAYDRQVVEGVGEYLQASQSEWDIFIEEDFRARIDKIKDWLGDGV
IADFDDKQIEQALADVDVPIVGVGGSYHLAESYPPVHYIATDNYALVESAFLHLKEKGVNRFAFYGLPESSGKRWATERE
YAFRQLVAEEKYRGVVYQGLETAPENWQHAQNRLADWLQTLPPQTGIIAVTDARARHILQVCEHLHIPVPEKLCVIGIDN
EELTRYLSRVALSSVAQGARQMGYQAAKLLHRLLDKEEMPLQRILVPPVRVIERRSTDYRSLTDPAVIQAMHYIRNHACK
GIKVDQVLDAVGISRSNLEKRFKEEVGETIHAMIHAEKLEKARSLLISTTLSINEISQMCGYPSLQYFYSVFKKAYDTTP
KEYRDVNSEVML
;
_entity_poly.pdbx_strand_id   A
#
loop_
_chem_comp.id
_chem_comp.type
_chem_comp.name
_chem_comp.formula
XYS D-saccharide, alpha linking alpha-D-xylopyranose 'C5 H10 O5'
#
# COMPACT_ATOMS: atom_id res chain seq x y z
N MET A 21 -6.08 11.32 44.56
CA MET A 21 -4.95 12.26 44.16
C MET A 21 -4.12 11.53 43.11
N PHE A 22 -4.03 12.07 41.90
CA PHE A 22 -3.44 11.25 40.85
C PHE A 22 -2.10 11.87 40.50
N THR A 23 -1.15 11.66 41.40
CA THR A 23 0.02 12.50 41.55
C THR A 23 1.31 11.83 41.03
N LYS A 24 1.35 10.49 41.09
CA LYS A 24 2.47 9.73 40.58
C LYS A 24 2.47 9.82 39.07
N ARG A 25 3.54 10.36 38.52
CA ARG A 25 3.71 10.42 37.06
C ARG A 25 4.75 9.44 36.51
N HIS A 26 4.47 8.88 35.35
CA HIS A 26 5.44 8.00 34.72
C HIS A 26 5.92 8.60 33.42
N ARG A 27 7.24 8.69 33.28
CA ARG A 27 7.81 9.08 32.00
C ARG A 27 7.89 7.88 31.07
N ILE A 28 7.31 8.02 29.89
CA ILE A 28 7.28 6.95 28.89
C ILE A 28 8.05 7.34 27.63
N THR A 29 8.96 6.45 27.22
CA THR A 29 9.82 6.66 26.06
C THR A 29 9.39 5.80 24.88
N LEU A 30 9.14 6.45 23.74
CA LEU A 30 8.79 5.74 22.50
C LEU A 30 9.91 5.83 21.48
N LEU A 31 10.35 4.67 21.00
CA LEU A 31 11.49 4.61 20.10
C LEU A 31 11.03 4.16 18.74
N PHE A 32 10.60 5.15 17.95
CA PHE A 32 10.07 4.95 16.61
C PHE A 32 10.56 6.05 15.67
N ASN A 33 10.07 6.04 14.44
CA ASN A 33 10.55 6.99 13.46
C ASN A 33 9.44 7.82 12.85
N ALA A 34 9.35 9.08 13.27
CA ALA A 34 8.29 10.00 12.85
C ALA A 34 8.10 10.11 11.33
N ASN A 35 9.11 9.71 10.56
CA ASN A 35 9.10 9.92 9.12
C ASN A 35 8.42 8.82 8.31
N LYS A 36 8.06 7.69 8.94
CA LYS A 36 7.46 6.56 8.24
C LYS A 36 6.03 6.33 8.68
N ALA A 37 5.10 6.23 7.72
CA ALA A 37 3.64 6.17 8.01
C ALA A 37 3.24 5.09 9.01
N TYR A 38 3.86 3.92 8.91
CA TYR A 38 3.60 2.84 9.84
C TYR A 38 3.98 3.23 11.27
N ASP A 39 5.19 3.75 11.46
CA ASP A 39 5.62 4.22 12.77
C ASP A 39 4.67 5.25 13.33
N ARG A 40 4.25 6.20 12.48
CA ARG A 40 3.34 7.25 12.91
C ARG A 40 2.00 6.69 13.37
N GLN A 41 1.52 5.62 12.73
CA GLN A 41 0.27 4.98 13.13
C GLN A 41 0.38 4.37 14.51
N VAL A 42 1.48 3.67 14.75
CA VAL A 42 1.75 3.01 16.01
C VAL A 42 1.74 4.01 17.16
N VAL A 43 2.46 5.10 16.99
CA VAL A 43 2.47 6.17 17.99
C VAL A 43 1.08 6.78 18.20
N GLU A 44 0.26 6.79 17.15
CA GLU A 44 -1.07 7.37 17.30
C GLU A 44 -1.96 6.52 18.17
N GLY A 45 -1.84 5.20 18.05
CA GLY A 45 -2.49 4.27 18.96
C GLY A 45 -2.05 4.50 20.39
N VAL A 46 -0.75 4.66 20.61
CA VAL A 46 -0.23 4.97 21.94
C VAL A 46 -0.95 6.20 22.46
N GLY A 47 -1.10 7.21 21.60
CA GLY A 47 -1.80 8.43 21.94
C GLY A 47 -3.27 8.19 22.22
N GLU A 48 -3.89 7.29 21.44
CA GLU A 48 -5.27 6.90 21.68
C GLU A 48 -5.42 6.34 23.10
N TYR A 49 -4.48 5.47 23.49
CA TYR A 49 -4.53 4.93 24.83
C TYR A 49 -4.44 6.02 25.89
N LEU A 50 -3.53 6.98 25.69
CA LEU A 50 -3.40 8.12 26.58
C LEU A 50 -4.74 8.79 26.79
N GLN A 51 -5.43 9.08 25.68
CA GLN A 51 -6.78 9.69 25.70
C GLN A 51 -7.81 8.87 26.46
N ALA A 52 -7.90 7.57 26.14
CA ALA A 52 -8.95 6.73 26.69
C ALA A 52 -8.74 6.45 28.18
N SER A 53 -7.48 6.37 28.58
CA SER A 53 -7.12 6.03 29.94
C SER A 53 -6.90 7.27 30.81
N GLN A 54 -6.70 8.42 30.16
CA GLN A 54 -6.37 9.65 30.87
C GLN A 54 -5.30 9.36 31.94
N SER A 55 -4.30 8.57 31.56
CA SER A 55 -3.15 8.26 32.41
C SER A 55 -2.31 9.46 32.73
N GLU A 56 -1.66 9.41 33.89
CA GLU A 56 -0.72 10.47 34.25
C GLU A 56 0.67 10.07 33.75
N TRP A 57 0.76 9.88 32.44
CA TRP A 57 2.02 9.57 31.79
C TRP A 57 2.57 10.78 31.09
N ASP A 58 3.90 10.89 31.08
CA ASP A 58 4.58 11.86 30.23
C ASP A 58 5.33 11.10 29.14
N ILE A 59 4.70 11.07 27.97
CA ILE A 59 5.16 10.32 26.80
C ILE A 59 6.08 11.16 25.90
N PHE A 60 7.27 10.64 25.61
CA PHE A 60 8.19 11.32 24.72
C PHE A 60 8.53 10.48 23.49
N ILE A 61 8.39 11.09 22.31
CA ILE A 61 8.82 10.46 21.07
C ILE A 61 10.28 10.81 20.90
N GLU A 62 11.14 9.90 21.35
CA GLU A 62 12.55 10.20 21.54
C GLU A 62 13.41 9.70 20.38
N GLU A 63 12.76 9.36 19.25
CA GLU A 63 13.54 8.83 18.13
C GLU A 63 13.03 9.28 16.74
N PHE A 65 16.89 9.20 16.17
CA PHE A 65 18.08 9.70 16.87
C PHE A 65 18.25 9.03 18.23
N ARG A 66 19.49 8.60 18.51
CA ARG A 66 19.88 8.04 19.82
C ARG A 66 21.34 7.56 19.78
N TRP A 75 17.56 10.34 30.56
CA TRP A 75 17.35 9.91 29.18
C TRP A 75 16.13 8.98 29.07
N LEU A 76 16.32 7.71 29.42
CA LEU A 76 15.25 6.71 29.30
C LEU A 76 14.28 6.84 30.47
N GLY A 77 13.04 6.41 30.26
CA GLY A 77 11.98 6.63 31.25
C GLY A 77 11.71 5.51 32.23
N ASP A 78 10.43 5.34 32.57
CA ASP A 78 9.96 4.34 33.52
C ASP A 78 9.37 3.14 32.81
N GLY A 79 9.18 3.29 31.50
CA GLY A 79 8.66 2.24 30.63
C GLY A 79 9.01 2.59 29.20
N VAL A 80 9.17 1.58 28.36
CA VAL A 80 9.54 1.81 26.98
C VAL A 80 8.66 1.02 26.02
N ILE A 81 8.33 1.66 24.89
CA ILE A 81 7.72 1.01 23.76
C ILE A 81 8.61 1.33 22.55
N ALA A 82 9.06 0.29 21.84
CA ALA A 82 10.08 0.46 20.81
C ALA A 82 9.91 -0.40 19.57
N ASP A 83 10.42 0.12 18.46
CA ASP A 83 10.50 -0.60 17.19
C ASP A 83 11.51 -1.75 17.28
N PHE A 84 11.03 -2.98 17.37
CA PHE A 84 11.91 -4.13 17.54
C PHE A 84 12.16 -4.86 16.23
N ASP A 85 11.80 -4.22 15.13
CA ASP A 85 12.26 -4.63 13.82
C ASP A 85 13.71 -4.17 13.66
N ASP A 86 14.24 -3.56 14.73
CA ASP A 86 15.58 -3.01 14.73
C ASP A 86 16.45 -3.75 15.74
N LYS A 87 17.33 -4.61 15.23
CA LYS A 87 18.32 -5.34 16.02
C LYS A 87 19.18 -4.45 16.92
N GLN A 88 19.41 -3.20 16.49
CA GLN A 88 20.23 -2.26 17.26
C GLN A 88 19.49 -1.86 18.52
N ILE A 89 18.20 -1.57 18.37
CA ILE A 89 17.35 -1.20 19.50
C ILE A 89 17.29 -2.34 20.52
N GLU A 90 17.05 -3.56 20.03
CA GLU A 90 17.01 -4.76 20.87
C GLU A 90 18.30 -4.93 21.67
N GLN A 91 19.43 -4.70 21.02
CA GLN A 91 20.74 -4.80 21.66
C GLN A 91 20.93 -3.64 22.63
N ALA A 92 20.47 -2.46 22.24
CA ALA A 92 20.53 -1.31 23.13
C ALA A 92 19.72 -1.54 24.39
N LEU A 93 18.55 -2.15 24.23
CA LEU A 93 17.62 -2.36 25.34
C LEU A 93 17.87 -3.63 26.14
N ALA A 94 18.42 -4.65 25.50
CA ALA A 94 18.75 -5.89 26.21
C ALA A 94 19.52 -5.57 27.48
N ASP A 95 18.90 -5.88 28.62
CA ASP A 95 19.45 -5.70 29.99
C ASP A 95 18.94 -4.44 30.74
N VAL A 96 17.95 -3.76 30.14
CA VAL A 96 17.25 -2.64 30.77
C VAL A 96 16.22 -3.14 31.80
N ASP A 97 16.28 -2.60 33.02
CA ASP A 97 15.42 -3.04 34.12
C ASP A 97 13.93 -2.72 33.95
N VAL A 98 13.64 -1.54 33.41
CA VAL A 98 12.25 -1.07 33.32
C VAL A 98 11.42 -1.87 32.30
N PRO A 99 10.08 -1.90 32.47
CA PRO A 99 9.21 -2.59 31.53
C PRO A 99 9.47 -2.12 30.09
N ILE A 100 9.45 -3.08 29.16
CA ILE A 100 9.60 -2.78 27.75
C ILE A 100 8.53 -3.55 27.00
N VAL A 101 7.87 -2.88 26.06
CA VAL A 101 6.99 -3.55 25.13
C VAL A 101 7.55 -3.31 23.73
N GLY A 102 7.99 -4.38 23.08
CA GLY A 102 8.49 -4.29 21.72
C GLY A 102 7.36 -4.34 20.72
N VAL A 103 7.49 -3.60 19.63
CA VAL A 103 6.53 -3.62 18.53
C VAL A 103 7.31 -3.86 17.25
N GLY A 104 6.80 -4.73 16.39
CA GLY A 104 7.49 -5.13 15.17
C GLY A 104 6.77 -6.24 14.43
N GLY A 105 7.43 -6.81 13.42
CA GLY A 105 6.82 -7.83 12.55
C GLY A 105 6.75 -9.18 13.23
N SER A 106 5.88 -10.06 12.74
CA SER A 106 5.74 -11.39 13.31
C SER A 106 6.85 -12.29 12.77
N TYR A 107 6.96 -13.49 13.35
CA TYR A 107 7.89 -14.51 12.86
C TYR A 107 7.24 -15.89 12.86
N HIS A 108 7.39 -16.60 11.73
CA HIS A 108 6.84 -17.94 11.58
C HIS A 108 7.38 -18.86 12.67
N LEU A 109 8.69 -18.79 12.92
CA LEU A 109 9.31 -19.54 14.01
C LEU A 109 9.13 -18.78 15.32
N ALA A 110 8.62 -19.47 16.34
CA ALA A 110 8.34 -18.84 17.62
C ALA A 110 9.60 -18.45 18.40
N GLU A 111 10.71 -19.16 18.15
CA GLU A 111 11.96 -18.86 18.85
C GLU A 111 12.75 -17.69 18.23
N SER A 112 12.22 -17.09 17.16
CA SER A 112 12.86 -15.93 16.56
C SER A 112 12.37 -14.59 17.17
N TYR A 113 11.38 -14.66 18.08
CA TYR A 113 10.86 -13.48 18.76
C TYR A 113 11.83 -13.06 19.85
N PRO A 114 12.08 -11.74 19.99
CA PRO A 114 13.04 -11.21 20.98
C PRO A 114 12.56 -11.42 22.41
N PRO A 115 13.49 -11.39 23.39
CA PRO A 115 13.10 -11.75 24.76
C PRO A 115 12.39 -10.61 25.48
N VAL A 116 11.21 -10.26 24.99
CA VAL A 116 10.44 -9.14 25.51
C VAL A 116 8.98 -9.30 25.12
N HIS A 117 8.08 -8.62 25.84
CA HIS A 117 6.67 -8.60 25.46
C HIS A 117 6.59 -7.93 24.12
N TYR A 118 5.71 -8.42 23.25
CA TYR A 118 5.79 -8.10 21.84
C TYR A 118 4.41 -8.04 21.18
N ILE A 119 4.11 -6.88 20.61
CA ILE A 119 2.95 -6.70 19.77
C ILE A 119 3.43 -6.87 18.33
N ALA A 120 2.77 -7.74 17.56
CA ALA A 120 3.24 -8.08 16.22
C ALA A 120 2.22 -7.83 15.10
N THR A 121 2.68 -7.26 14.00
CA THR A 121 1.88 -7.26 12.78
C THR A 121 2.00 -8.65 12.14
N ASP A 122 0.87 -9.23 11.74
CA ASP A 122 0.83 -10.59 11.22
C ASP A 122 1.34 -10.66 9.79
N ASN A 123 2.66 -10.83 9.63
CA ASN A 123 3.29 -10.82 8.30
C ASN A 123 2.56 -11.72 7.29
N TYR A 124 2.25 -12.95 7.70
CA TYR A 124 1.49 -13.88 6.85
C TYR A 124 0.17 -13.28 6.38
N ALA A 125 -0.64 -12.83 7.33
CA ALA A 125 -1.96 -12.28 7.02
C ALA A 125 -1.87 -11.15 6.01
N LEU A 126 -0.85 -10.31 6.15
CA LEU A 126 -0.64 -9.17 5.24
C LEU A 126 -0.48 -9.62 3.79
N VAL A 127 0.40 -10.59 3.57
CA VAL A 127 0.59 -11.11 2.23
C VAL A 127 -0.72 -11.76 1.80
N GLU A 128 -1.30 -12.55 2.69
CA GLU A 128 -2.54 -13.26 2.45
C GLU A 128 -3.63 -12.29 1.99
N SER A 129 -3.74 -11.18 2.70
CA SER A 129 -4.73 -10.16 2.41
C SER A 129 -4.58 -9.66 0.98
N ALA A 130 -3.34 -9.49 0.53
CA ALA A 130 -3.07 -8.98 -0.81
C ALA A 130 -3.29 -10.06 -1.86
N PHE A 131 -2.92 -11.29 -1.50
CA PHE A 131 -3.08 -12.45 -2.36
C PHE A 131 -4.56 -12.65 -2.62
N LEU A 132 -5.36 -12.63 -1.55
CA LEU A 132 -6.80 -12.83 -1.69
C LEU A 132 -7.45 -11.74 -2.53
N HIS A 133 -6.95 -10.51 -2.41
CA HIS A 133 -7.40 -9.41 -3.26
C HIS A 133 -7.19 -9.65 -4.75
N LEU A 134 -5.98 -10.09 -5.11
CA LEU A 134 -5.67 -10.36 -6.49
C LEU A 134 -6.38 -11.62 -6.97
N LYS A 135 -6.51 -12.60 -6.07
CA LYS A 135 -7.24 -13.84 -6.36
C LYS A 135 -8.65 -13.48 -6.84
N GLU A 136 -9.34 -12.63 -6.08
CA GLU A 136 -10.72 -12.24 -6.40
C GLU A 136 -10.83 -11.58 -7.77
N LYS A 137 -9.74 -11.04 -8.29
CA LYS A 137 -9.78 -10.39 -9.58
C LYS A 137 -9.24 -11.30 -10.69
N GLY A 138 -9.58 -12.58 -10.58
CA GLY A 138 -9.20 -13.59 -11.58
C GLY A 138 -7.71 -13.85 -11.77
N VAL A 139 -6.86 -13.06 -11.13
CA VAL A 139 -5.40 -13.21 -11.22
C VAL A 139 -4.94 -14.59 -10.75
N ASN A 140 -4.17 -15.27 -11.60
CA ASN A 140 -3.61 -16.60 -11.26
C ASN A 140 -2.11 -16.71 -11.55
N ARG A 141 -1.52 -15.65 -12.07
CA ARG A 141 -0.06 -15.52 -12.21
C ARG A 141 0.47 -14.55 -11.16
N PHE A 142 1.23 -15.05 -10.19
CA PHE A 142 1.69 -14.24 -9.06
C PHE A 142 3.19 -13.94 -9.01
N ALA A 143 3.52 -12.70 -8.67
CA ALA A 143 4.91 -12.24 -8.57
C ALA A 143 5.15 -11.48 -7.27
N PHE A 144 6.39 -11.51 -6.79
CA PHE A 144 6.72 -10.85 -5.52
C PHE A 144 8.01 -10.04 -5.66
N TYR A 145 7.91 -8.74 -5.35
CA TYR A 145 9.07 -7.88 -5.34
C TYR A 145 9.44 -7.64 -3.89
N GLY A 146 10.59 -8.16 -3.49
CA GLY A 146 10.99 -8.14 -2.11
C GLY A 146 12.18 -7.27 -1.82
N LEU A 147 13.06 -7.77 -0.98
CA LEU A 147 14.15 -6.98 -0.43
C LEU A 147 15.33 -7.91 -0.18
N PRO A 148 16.54 -7.50 -0.59
CA PRO A 148 17.69 -8.40 -0.45
C PRO A 148 17.91 -8.83 0.99
N GLU A 149 18.48 -10.01 1.17
CA GLU A 149 18.95 -10.44 2.48
C GLU A 149 19.89 -9.36 3.04
N SER A 150 20.65 -8.75 2.14
CA SER A 150 21.59 -7.65 2.41
C SER A 150 21.09 -6.59 3.41
N SER A 151 19.83 -6.15 3.28
CA SER A 151 19.22 -5.28 4.29
C SER A 151 18.92 -6.10 5.57
N GLY A 152 18.65 -5.44 6.68
CA GLY A 152 18.39 -6.18 7.91
C GLY A 152 16.92 -6.45 8.16
N LYS A 153 16.15 -6.42 7.07
CA LYS A 153 14.69 -6.44 7.17
C LYS A 153 14.12 -7.85 7.23
N ARG A 154 13.92 -8.34 8.45
CA ARG A 154 13.49 -9.72 8.67
C ARG A 154 11.99 -9.90 8.37
N TRP A 155 11.22 -8.82 8.44
CA TRP A 155 9.84 -8.88 8.00
C TRP A 155 9.72 -9.10 6.48
N ALA A 156 10.76 -8.69 5.75
CA ALA A 156 10.80 -8.91 4.31
C ALA A 156 10.87 -10.41 4.03
N THR A 157 11.90 -11.08 4.56
CA THR A 157 12.01 -12.55 4.49
C THR A 157 10.70 -13.24 4.91
N GLU A 158 10.17 -12.82 6.05
CA GLU A 158 8.88 -13.29 6.55
C GLU A 158 7.75 -13.16 5.53
N ARG A 159 7.67 -12.02 4.85
CA ARG A 159 6.64 -11.84 3.82
C ARG A 159 6.85 -12.72 2.58
N GLU A 160 8.10 -12.79 2.12
CA GLU A 160 8.48 -13.65 1.01
C GLU A 160 8.12 -15.11 1.25
N TYR A 161 8.47 -15.61 2.43
CA TYR A 161 8.14 -16.98 2.83
C TYR A 161 6.63 -17.22 2.75
N ALA A 162 5.83 -16.33 3.34
CA ALA A 162 4.38 -16.40 3.27
C ALA A 162 3.89 -16.44 1.82
N PHE A 163 4.41 -15.52 0.99
CA PHE A 163 4.11 -15.52 -0.44
C PHE A 163 4.26 -16.92 -1.00
N ARG A 164 5.45 -17.50 -0.84
CA ARG A 164 5.73 -18.83 -1.34
C ARG A 164 4.75 -19.85 -0.81
N GLN A 165 4.41 -19.71 0.47
CA GLN A 165 3.54 -20.65 1.15
C GLN A 165 2.14 -20.68 0.52
N LEU A 166 1.55 -19.51 0.28
CA LEU A 166 0.19 -19.47 -0.27
C LEU A 166 0.11 -19.38 -1.79
N VAL A 167 1.25 -19.37 -2.45
CA VAL A 167 1.28 -19.41 -3.91
C VAL A 167 1.46 -20.85 -4.40
N ALA A 168 1.78 -21.75 -3.47
CA ALA A 168 2.15 -23.14 -3.78
C ALA A 168 1.18 -23.92 -4.68
N GLU A 169 -0.12 -23.66 -4.53
CA GLU A 169 -1.13 -24.45 -5.22
C GLU A 169 -1.75 -23.78 -6.46
N GLU A 170 -1.15 -22.68 -6.93
CA GLU A 170 -1.70 -21.96 -8.08
C GLU A 170 -1.41 -22.67 -9.40
N LYS A 171 -2.10 -22.25 -10.47
CA LYS A 171 -1.95 -22.87 -11.79
C LYS A 171 -0.51 -22.76 -12.29
N TYR A 172 -0.06 -21.53 -12.52
CA TYR A 172 1.35 -21.27 -12.82
C TYR A 172 2.06 -20.99 -11.50
N ARG A 173 3.37 -21.27 -11.46
CA ARG A 173 4.17 -21.04 -10.25
C ARG A 173 4.33 -19.55 -9.98
N GLY A 174 4.64 -19.23 -8.73
CA GLY A 174 4.98 -17.85 -8.35
C GLY A 174 6.40 -17.52 -8.75
N VAL A 175 6.72 -16.24 -8.88
CA VAL A 175 8.08 -15.82 -9.16
C VAL A 175 8.48 -14.72 -8.18
N VAL A 176 9.62 -14.90 -7.54
CA VAL A 176 10.11 -13.93 -6.56
C VAL A 176 11.31 -13.18 -7.09
N TYR A 177 11.34 -11.87 -6.87
CA TYR A 177 12.51 -11.05 -7.20
C TYR A 177 12.89 -10.10 -6.05
N GLN A 178 13.93 -10.48 -5.30
CA GLN A 178 14.49 -9.60 -4.29
C GLN A 178 15.15 -8.45 -5.04
N GLY A 179 15.18 -7.27 -4.45
CA GLY A 179 15.68 -6.11 -5.18
C GLY A 179 17.18 -6.00 -5.12
N LEU A 180 17.67 -4.78 -5.30
CA LEU A 180 19.08 -4.50 -5.18
C LEU A 180 19.43 -3.91 -3.83
N GLU A 181 18.47 -3.19 -3.24
CA GLU A 181 18.69 -2.47 -2.00
C GLU A 181 17.80 -1.24 -2.07
N THR A 182 17.47 -0.72 -0.90
CA THR A 182 16.49 0.36 -0.74
C THR A 182 16.99 1.68 -1.31
N ALA A 183 18.22 2.06 -0.93
CA ALA A 183 18.88 3.23 -1.46
C ALA A 183 20.04 2.68 -2.25
N PRO A 184 19.82 2.39 -3.54
CA PRO A 184 20.83 1.66 -4.31
C PRO A 184 22.16 2.39 -4.32
N GLU A 185 23.24 1.59 -4.35
CA GLU A 185 24.60 2.07 -4.56
C GLU A 185 24.75 2.53 -6.00
N ASN A 186 23.72 2.25 -6.80
CA ASN A 186 23.71 2.53 -8.23
C ASN A 186 22.28 2.49 -8.73
N TRP A 187 21.57 3.60 -8.54
CA TRP A 187 20.16 3.75 -8.93
C TRP A 187 19.87 3.29 -10.36
N GLN A 188 20.69 3.78 -11.30
CA GLN A 188 20.55 3.45 -12.70
C GLN A 188 20.57 1.95 -12.91
N HIS A 189 21.63 1.31 -12.38
CA HIS A 189 21.76 -0.13 -12.46
C HIS A 189 20.55 -0.85 -11.88
N ALA A 190 20.14 -0.44 -10.67
CA ALA A 190 18.97 -1.03 -10.03
C ALA A 190 17.73 -0.96 -10.94
N GLN A 191 17.55 0.18 -11.59
CA GLN A 191 16.40 0.38 -12.46
C GLN A 191 16.42 -0.58 -13.64
N ASN A 192 17.60 -0.70 -14.26
CA ASN A 192 17.82 -1.64 -15.34
C ASN A 192 17.44 -3.06 -14.96
N ARG A 193 17.84 -3.49 -13.77
CA ARG A 193 17.56 -4.86 -13.32
C ARG A 193 16.09 -5.08 -13.05
N LEU A 194 15.43 -4.06 -12.51
CA LEU A 194 13.99 -4.16 -12.26
C LEU A 194 13.23 -4.14 -13.58
N ALA A 195 13.68 -3.30 -14.52
CA ALA A 195 13.10 -3.23 -15.85
C ALA A 195 13.17 -4.59 -16.53
N ASP A 196 14.36 -5.20 -16.49
CA ASP A 196 14.59 -6.53 -17.03
C ASP A 196 13.56 -7.52 -16.49
N TRP A 197 13.44 -7.58 -15.17
CA TRP A 197 12.52 -8.51 -14.56
C TRP A 197 11.07 -8.25 -14.97
N LEU A 198 10.69 -6.98 -15.09
CA LEU A 198 9.30 -6.66 -15.40
C LEU A 198 8.88 -7.13 -16.81
N GLN A 199 9.81 -7.03 -17.77
CA GLN A 199 9.53 -7.40 -19.16
C GLN A 199 9.46 -8.91 -19.30
N THR A 200 9.91 -9.60 -18.26
CA THR A 200 9.84 -11.05 -18.12
C THR A 200 8.41 -11.52 -17.83
N LEU A 201 7.61 -10.66 -17.22
CA LEU A 201 6.31 -11.06 -16.66
C LEU A 201 5.15 -10.99 -17.66
N PRO A 202 4.46 -12.13 -17.87
CA PRO A 202 3.34 -12.26 -18.82
C PRO A 202 2.16 -11.38 -18.41
N PRO A 203 1.32 -10.99 -19.39
CA PRO A 203 0.15 -10.18 -19.08
C PRO A 203 -0.75 -10.85 -18.05
N GLN A 204 -1.24 -10.05 -17.10
CA GLN A 204 -2.22 -10.48 -16.08
C GLN A 204 -1.51 -11.09 -14.89
N THR A 205 -0.24 -10.74 -14.74
CA THR A 205 0.53 -11.08 -13.56
C THR A 205 0.24 -10.07 -12.46
N GLY A 206 -0.14 -10.57 -11.28
CA GLY A 206 -0.31 -9.71 -10.11
C GLY A 206 0.97 -9.68 -9.30
N ILE A 207 1.48 -8.48 -9.03
CA ILE A 207 2.71 -8.35 -8.25
C ILE A 207 2.46 -7.86 -6.83
N ILE A 208 2.90 -8.65 -5.86
CA ILE A 208 2.88 -8.23 -4.47
C ILE A 208 4.25 -7.67 -4.11
N ALA A 209 4.31 -6.40 -3.72
CA ALA A 209 5.54 -5.81 -3.18
C ALA A 209 5.56 -5.83 -1.64
N VAL A 210 6.76 -6.00 -1.05
CA VAL A 210 6.91 -6.03 0.42
C VAL A 210 6.39 -4.79 1.12
N THR A 211 6.42 -3.67 0.41
CA THR A 211 6.24 -2.34 0.97
C THR A 211 5.75 -1.46 -0.15
N ASP A 212 4.83 -0.54 0.15
CA ASP A 212 4.41 0.49 -0.80
C ASP A 212 5.59 1.17 -1.48
N ALA A 213 6.68 1.37 -0.75
CA ALA A 213 7.91 1.95 -1.30
C ALA A 213 8.44 1.14 -2.49
N ARG A 214 8.55 -0.18 -2.32
CA ARG A 214 9.00 -1.07 -3.40
C ARG A 214 7.99 -1.12 -4.53
N ALA A 215 6.70 -1.09 -4.18
CA ALA A 215 5.64 -1.04 -5.17
C ALA A 215 5.81 0.18 -6.06
N ARG A 216 6.01 1.34 -5.46
CA ARG A 216 6.20 2.56 -6.24
C ARG A 216 7.41 2.48 -7.16
N HIS A 217 8.41 1.70 -6.75
CA HIS A 217 9.63 1.51 -7.55
C HIS A 217 9.24 0.79 -8.84
N ILE A 218 8.34 -0.19 -8.73
CA ILE A 218 7.81 -0.90 -9.89
C ILE A 218 7.04 0.05 -10.80
N LEU A 219 6.25 0.93 -10.18
CA LEU A 219 5.40 1.86 -10.91
C LEU A 219 6.18 2.90 -11.70
N GLN A 220 7.27 3.41 -11.14
CA GLN A 220 8.12 4.38 -11.85
C GLN A 220 8.84 3.77 -13.05
N VAL A 221 9.22 2.49 -12.94
CA VAL A 221 9.85 1.79 -14.05
C VAL A 221 8.83 1.59 -15.18
N CYS A 222 7.63 1.12 -14.82
CA CYS A 222 6.51 1.02 -15.76
C CYS A 222 6.17 2.35 -16.41
N GLU A 223 6.27 3.44 -15.67
CA GLU A 223 6.18 4.76 -16.24
C GLU A 223 7.28 4.95 -17.29
N HIS A 224 8.53 4.68 -16.93
CA HIS A 224 9.66 4.87 -17.84
C HIS A 224 9.45 4.09 -19.15
N LEU A 225 8.86 2.90 -19.00
CA LEU A 225 8.66 1.94 -20.08
C LEU A 225 7.26 1.92 -20.74
N HIS A 226 6.32 2.69 -20.17
CA HIS A 226 4.89 2.67 -20.56
C HIS A 226 4.29 1.27 -20.48
N ILE A 227 4.56 0.53 -19.41
CA ILE A 227 3.94 -0.78 -19.22
C ILE A 227 2.60 -0.62 -18.50
N PRO A 228 1.51 -1.04 -19.15
CA PRO A 228 0.18 -0.88 -18.56
C PRO A 228 0.01 -1.52 -17.19
N VAL A 229 -0.31 -0.69 -16.20
CA VAL A 229 -0.81 -1.11 -14.89
C VAL A 229 -2.20 -0.49 -14.71
N PRO A 230 -3.22 -1.30 -14.38
CA PRO A 230 -3.20 -2.74 -14.16
C PRO A 230 -3.53 -3.53 -15.43
N GLU A 231 -3.75 -2.84 -16.54
CA GLU A 231 -4.16 -3.49 -17.77
C GLU A 231 -3.25 -4.67 -18.10
N LYS A 232 -1.94 -4.47 -17.95
CA LYS A 232 -1.02 -5.58 -18.19
C LYS A 232 -0.63 -6.23 -16.88
N LEU A 233 0.16 -5.55 -16.07
CA LEU A 233 0.53 -6.15 -14.79
C LEU A 233 -0.13 -5.42 -13.63
N CYS A 234 -0.59 -6.17 -12.64
CA CYS A 234 -1.23 -5.62 -11.43
C CYS A 234 -0.23 -5.46 -10.30
N VAL A 235 -0.31 -4.34 -9.59
CA VAL A 235 0.62 -4.05 -8.49
C VAL A 235 -0.11 -3.76 -7.17
N ILE A 236 0.27 -4.44 -6.10
CA ILE A 236 -0.27 -4.12 -4.76
C ILE A 236 0.82 -4.07 -3.67
N GLY A 237 0.72 -3.09 -2.77
CA GLY A 237 1.73 -2.88 -1.74
C GLY A 237 1.25 -3.30 -0.36
N ILE A 238 2.00 -2.95 0.69
CA ILE A 238 1.69 -3.45 2.03
C ILE A 238 1.50 -2.45 3.18
N ASP A 239 1.68 -1.15 2.97
CA ASP A 239 1.54 -0.24 4.13
C ASP A 239 0.34 0.70 4.21
N ASN A 240 -0.30 0.96 3.06
CA ASN A 240 -1.18 2.12 2.89
C ASN A 240 -0.47 3.40 3.29
N GLU A 241 0.64 3.68 2.62
CA GLU A 241 1.36 4.92 2.79
C GLU A 241 1.33 5.66 1.46
N GLU A 242 0.87 6.91 1.45
CA GLU A 242 0.92 7.60 0.17
C GLU A 242 2.26 8.29 -0.10
N LEU A 243 2.90 8.77 0.97
CA LEU A 243 4.22 9.39 0.88
C LEU A 243 5.41 8.41 1.00
N THR A 244 5.86 7.87 -0.13
CA THR A 244 7.12 7.08 -0.19
C THR A 244 8.17 7.86 -0.98
N ARG A 245 9.41 7.34 -1.13
CA ARG A 245 10.46 8.06 -1.90
C ARG A 245 9.90 8.64 -3.21
N TYR A 246 9.13 7.82 -3.91
CA TYR A 246 8.57 8.17 -5.20
C TYR A 246 7.06 8.25 -5.15
N LEU A 247 6.53 9.28 -5.79
CA LEU A 247 5.08 9.44 -5.97
C LEU A 247 4.66 8.90 -7.32
N SER A 248 3.54 8.17 -7.33
CA SER A 248 3.08 7.44 -8.49
C SER A 248 1.77 8.00 -9.01
N ARG A 249 1.74 8.29 -10.29
CA ARG A 249 0.56 8.75 -11.03
C ARG A 249 -0.59 7.74 -10.98
N VAL A 250 -0.28 6.46 -11.16
CA VAL A 250 -1.23 5.38 -10.89
C VAL A 250 -1.37 5.17 -9.37
N ALA A 251 -2.54 5.47 -8.83
CA ALA A 251 -2.76 5.30 -7.39
C ALA A 251 -2.53 3.85 -7.02
N LEU A 252 -1.97 3.64 -5.83
CA LEU A 252 -1.43 2.33 -5.41
C LEU A 252 -2.35 1.60 -4.44
N SER A 253 -2.80 0.42 -4.82
CA SER A 253 -3.58 -0.41 -3.91
C SER A 253 -2.65 -0.92 -2.85
N SER A 254 -3.15 -1.13 -1.66
CA SER A 254 -2.28 -1.53 -0.57
C SER A 254 -3.02 -2.20 0.57
N VAL A 255 -2.30 -3.08 1.26
CA VAL A 255 -2.75 -3.61 2.53
C VAL A 255 -2.44 -2.59 3.64
N ALA A 256 -3.45 -2.28 4.44
CA ALA A 256 -3.29 -1.36 5.55
C ALA A 256 -3.08 -2.18 6.83
N GLN A 257 -1.94 -1.97 7.48
CA GLN A 257 -1.61 -2.72 8.69
C GLN A 257 -2.46 -2.22 9.83
N GLY A 258 -2.65 -3.07 10.85
CA GLY A 258 -3.45 -2.74 12.02
C GLY A 258 -2.63 -1.96 13.02
N ALA A 259 -1.97 -0.92 12.53
CA ALA A 259 -0.84 -0.32 13.22
C ALA A 259 -1.25 0.54 14.41
N ARG A 260 -2.38 1.24 14.29
CA ARG A 260 -2.96 1.99 15.39
C ARG A 260 -3.31 1.04 16.52
N GLN A 261 -4.12 0.02 16.21
CA GLN A 261 -4.48 -0.96 17.20
C GLN A 261 -3.20 -1.51 17.86
N MET A 262 -2.16 -1.74 17.07
CA MET A 262 -0.90 -2.26 17.62
C MET A 262 -0.35 -1.34 18.72
N GLY A 263 -0.27 -0.05 18.43
CA GLY A 263 0.24 0.93 19.38
C GLY A 263 -0.63 1.06 20.61
N TYR A 264 -1.94 0.93 20.43
CA TYR A 264 -2.90 1.00 21.52
C TYR A 264 -2.73 -0.18 22.48
N GLN A 265 -2.70 -1.39 21.92
CA GLN A 265 -2.47 -2.62 22.68
C GLN A 265 -1.13 -2.60 23.40
N ALA A 266 -0.13 -1.98 22.76
CA ALA A 266 1.20 -1.84 23.34
C ALA A 266 1.15 -1.03 24.63
N ALA A 267 0.55 0.16 24.56
CA ALA A 267 0.41 1.02 25.72
C ALA A 267 -0.44 0.35 26.81
N LYS A 268 -1.51 -0.33 26.41
CA LYS A 268 -2.43 -1.00 27.34
C LYS A 268 -1.72 -2.12 28.11
N LEU A 269 -0.84 -2.84 27.43
CA LEU A 269 0.00 -3.85 28.05
C LEU A 269 1.06 -3.23 28.98
N LEU A 270 1.66 -2.12 28.54
CA LEU A 270 2.72 -1.47 29.29
C LEU A 270 2.15 -0.92 30.58
N HIS A 271 0.87 -0.59 30.53
CA HIS A 271 0.19 -0.08 31.70
C HIS A 271 0.08 -1.17 32.77
N ARG A 272 -0.28 -2.37 32.32
CA ARG A 272 -0.37 -3.53 33.20
C ARG A 272 1.02 -3.90 33.70
N LEU A 273 2.02 -3.71 32.85
CA LEU A 273 3.40 -3.98 33.24
C LEU A 273 3.87 -3.00 34.30
N LEU A 274 3.33 -1.78 34.25
CA LEU A 274 3.66 -0.77 35.24
C LEU A 274 2.97 -1.01 36.60
N ASP A 275 1.86 -1.74 36.58
CA ASP A 275 1.15 -2.15 37.79
C ASP A 275 1.73 -3.45 38.35
N LYS A 276 2.94 -3.78 37.88
CA LYS A 276 3.75 -4.91 38.37
C LYS A 276 3.13 -6.29 38.12
N GLU A 277 2.29 -6.39 37.09
CA GLU A 277 1.59 -7.63 36.81
C GLU A 277 2.54 -8.68 36.25
N GLU A 278 2.45 -9.90 36.78
CA GLU A 278 3.21 -11.06 36.27
C GLU A 278 2.56 -11.63 35.01
N MET A 279 3.37 -12.16 34.10
CA MET A 279 2.89 -12.56 32.77
C MET A 279 3.97 -13.32 32.00
N PRO A 280 3.60 -14.40 31.30
CA PRO A 280 4.57 -14.93 30.32
C PRO A 280 4.72 -13.96 29.15
N LEU A 281 5.89 -13.89 28.53
CA LEU A 281 6.16 -12.92 27.47
C LEU A 281 5.06 -12.97 26.42
N GLN A 282 4.35 -11.87 26.24
CA GLN A 282 3.22 -11.82 25.32
C GLN A 282 3.66 -11.85 23.85
N ARG A 283 2.93 -12.60 23.03
CA ARG A 283 3.10 -12.55 21.58
C ARG A 283 1.75 -12.37 20.89
N ILE A 284 1.21 -11.15 20.92
CA ILE A 284 -0.12 -10.94 20.32
C ILE A 284 -0.02 -10.41 18.89
N LEU A 285 -0.55 -11.17 17.93
CA LEU A 285 -0.55 -10.77 16.52
C LEU A 285 -1.80 -9.99 16.15
N VAL A 286 -1.60 -8.84 15.52
CA VAL A 286 -2.70 -8.05 14.98
C VAL A 286 -2.74 -8.19 13.44
N PRO A 287 -3.91 -8.55 12.89
CA PRO A 287 -4.06 -8.70 11.43
C PRO A 287 -4.27 -7.35 10.73
N PRO A 288 -4.14 -7.32 9.37
CA PRO A 288 -4.37 -6.08 8.65
C PRO A 288 -5.81 -5.62 8.83
N VAL A 289 -6.03 -4.31 8.74
CA VAL A 289 -7.37 -3.75 8.80
C VAL A 289 -8.15 -4.18 7.56
N ARG A 290 -7.66 -3.81 6.38
CA ARG A 290 -8.34 -4.09 5.11
C ARG A 290 -7.39 -3.81 3.93
N VAL A 291 -7.84 -4.13 2.73
CA VAL A 291 -7.13 -3.74 1.53
C VAL A 291 -7.78 -2.49 0.95
N ILE A 292 -6.98 -1.46 0.69
CA ILE A 292 -7.47 -0.29 -0.03
C ILE A 292 -7.28 -0.48 -1.53
N GLU A 293 -8.39 -0.66 -2.23
CA GLU A 293 -8.38 -0.91 -3.64
C GLU A 293 -8.29 0.40 -4.40
N ARG A 294 -7.18 0.58 -5.12
CA ARG A 294 -7.03 1.73 -6.01
C ARG A 294 -6.83 1.28 -7.46
N ARG A 295 -6.44 2.23 -8.31
CA ARG A 295 -6.26 1.98 -9.74
C ARG A 295 -5.33 0.79 -10.04
N SER A 296 -4.18 0.76 -9.37
CA SER A 296 -3.15 -0.23 -9.65
C SER A 296 -3.60 -1.71 -9.60
N THR A 297 -4.76 -2.00 -9.04
CA THR A 297 -5.26 -3.38 -9.07
C THR A 297 -6.63 -3.48 -9.76
N ASP A 298 -6.99 -2.43 -10.48
CA ASP A 298 -8.29 -2.37 -11.12
C ASP A 298 -8.28 -3.13 -12.45
N TYR A 299 -8.18 -4.46 -12.33
CA TYR A 299 -8.12 -5.34 -13.47
C TYR A 299 -9.51 -5.80 -13.87
N ARG A 300 -9.88 -5.55 -15.13
CA ARG A 300 -11.17 -6.01 -15.65
C ARG A 300 -11.11 -7.08 -16.79
N SER A 301 -10.33 -8.13 -16.55
CA SER A 301 -10.33 -9.31 -17.43
C SER A 301 -9.99 -9.02 -18.91
N LEU A 302 -9.26 -7.94 -19.14
CA LEU A 302 -8.83 -7.57 -20.49
C LEU A 302 -7.63 -8.40 -20.94
N THR A 303 -7.46 -8.70 -22.20
CA THR A 303 -6.43 -9.66 -22.69
C THR A 303 -5.76 -9.32 -24.03
N ASP A 304 -6.48 -8.65 -24.92
CA ASP A 304 -5.92 -8.24 -26.20
C ASP A 304 -4.86 -7.17 -25.92
N PRO A 305 -3.59 -7.41 -26.33
CA PRO A 305 -2.50 -6.46 -26.05
C PRO A 305 -2.79 -5.02 -26.48
N ALA A 306 -3.52 -4.84 -27.57
CA ALA A 306 -3.72 -3.52 -28.15
C ALA A 306 -4.74 -2.71 -27.35
N VAL A 307 -5.78 -3.39 -26.86
CA VAL A 307 -6.76 -2.76 -25.99
C VAL A 307 -6.09 -2.45 -24.65
N ILE A 308 -5.26 -3.38 -24.18
CA ILE A 308 -4.47 -3.18 -22.96
C ILE A 308 -3.68 -1.87 -23.00
N GLN A 309 -2.90 -1.66 -24.07
CA GLN A 309 -2.11 -0.45 -24.23
C GLN A 309 -3.00 0.75 -24.50
N ALA A 310 -4.05 0.55 -25.28
CA ALA A 310 -4.99 1.61 -25.58
C ALA A 310 -5.74 2.04 -24.31
N MET A 311 -6.23 1.07 -23.55
CA MET A 311 -6.96 1.39 -22.31
C MET A 311 -6.08 2.10 -21.28
N HIS A 312 -4.84 1.65 -21.12
CA HIS A 312 -3.86 2.34 -20.28
C HIS A 312 -3.67 3.79 -20.73
N TYR A 313 -3.46 3.97 -22.04
CA TYR A 313 -3.26 5.30 -22.60
C TYR A 313 -4.41 6.20 -22.16
N ILE A 314 -5.63 5.73 -22.39
CA ILE A 314 -6.85 6.49 -22.10
C ILE A 314 -6.89 6.86 -20.62
N ARG A 315 -6.59 5.89 -19.76
CA ARG A 315 -6.65 6.10 -18.32
C ARG A 315 -5.61 7.08 -17.81
N ASN A 316 -4.66 7.42 -18.67
CA ASN A 316 -3.68 8.42 -18.34
C ASN A 316 -4.07 9.80 -18.81
N HIS A 317 -4.75 9.88 -19.94
CA HIS A 317 -4.88 11.16 -20.64
C HIS A 317 -6.30 11.56 -21.03
N ALA A 318 -7.29 10.76 -20.62
CA ALA A 318 -8.69 11.05 -20.93
C ALA A 318 -9.09 12.50 -20.56
N CYS A 319 -8.62 12.98 -19.41
CA CYS A 319 -8.90 14.36 -18.96
C CYS A 319 -8.21 15.39 -19.82
N LYS A 320 -7.12 15.02 -20.50
CA LYS A 320 -6.38 15.99 -21.32
C LYS A 320 -7.05 16.28 -22.67
N GLY A 321 -8.30 15.84 -22.85
CA GLY A 321 -9.03 16.09 -24.10
C GLY A 321 -8.38 15.42 -25.30
N ILE A 322 -8.38 14.09 -25.31
CA ILE A 322 -7.73 13.35 -26.36
C ILE A 322 -8.76 12.84 -27.34
N LYS A 323 -8.34 12.70 -28.59
CA LYS A 323 -9.21 12.19 -29.64
C LYS A 323 -8.93 10.70 -29.82
N VAL A 324 -9.74 10.03 -30.63
CA VAL A 324 -9.49 8.65 -30.99
C VAL A 324 -8.15 8.54 -31.73
N ASP A 325 -7.80 9.60 -32.46
CA ASP A 325 -6.55 9.64 -33.22
C ASP A 325 -5.29 9.39 -32.37
N GLN A 326 -5.26 9.98 -31.17
CA GLN A 326 -4.11 9.82 -30.27
C GLN A 326 -3.97 8.38 -29.81
N VAL A 327 -5.09 7.77 -29.48
CA VAL A 327 -5.12 6.39 -29.03
C VAL A 327 -4.60 5.47 -30.14
N LEU A 328 -5.08 5.70 -31.36
CA LEU A 328 -4.61 4.97 -32.54
C LEU A 328 -3.09 5.06 -32.68
N ASP A 329 -2.56 6.27 -32.57
CA ASP A 329 -1.12 6.53 -32.65
C ASP A 329 -0.30 5.90 -31.52
N ALA A 330 -0.90 5.64 -30.37
CA ALA A 330 -0.14 5.18 -29.18
C ALA A 330 0.22 3.73 -29.32
N VAL A 331 -0.79 2.92 -29.59
CA VAL A 331 -0.58 1.61 -30.19
C VAL A 331 -0.25 1.98 -31.65
N GLY A 332 0.11 1.04 -32.50
CA GLY A 332 0.33 1.42 -33.89
C GLY A 332 -0.71 0.85 -34.81
N ILE A 333 -1.97 1.23 -34.59
CA ILE A 333 -3.10 0.51 -35.21
C ILE A 333 -4.05 1.41 -36.00
N SER A 334 -4.58 0.88 -37.09
CA SER A 334 -5.62 1.57 -37.86
C SER A 334 -6.91 1.66 -37.07
N ARG A 335 -7.62 2.76 -37.28
CA ARG A 335 -8.93 2.99 -36.67
C ARG A 335 -9.84 1.77 -36.74
N SER A 336 -10.08 1.27 -37.95
CA SER A 336 -10.95 0.12 -38.18
C SER A 336 -10.61 -1.04 -37.25
N ASN A 337 -9.34 -1.44 -37.24
CA ASN A 337 -8.93 -2.61 -36.49
C ASN A 337 -9.04 -2.41 -34.98
N LEU A 338 -8.68 -1.23 -34.49
CA LEU A 338 -8.71 -0.99 -33.06
C LEU A 338 -10.15 -0.91 -32.56
N GLU A 339 -11.03 -0.30 -33.36
CA GLU A 339 -12.45 -0.21 -33.01
C GLU A 339 -13.03 -1.60 -32.91
N LYS A 340 -12.68 -2.43 -33.89
CA LYS A 340 -13.12 -3.81 -33.93
C LYS A 340 -12.78 -4.54 -32.64
N ARG A 341 -11.55 -4.34 -32.16
CA ARG A 341 -11.04 -5.06 -31.00
C ARG A 341 -11.62 -4.52 -29.69
N PHE A 342 -11.80 -3.21 -29.64
CA PHE A 342 -12.44 -2.55 -28.52
C PHE A 342 -13.86 -3.08 -28.37
N LYS A 343 -14.57 -3.15 -29.50
CA LYS A 343 -15.91 -3.69 -29.51
C LYS A 343 -15.84 -5.13 -29.03
N GLU A 344 -14.80 -5.84 -29.46
CA GLU A 344 -14.67 -7.26 -29.16
C GLU A 344 -14.43 -7.50 -27.67
N GLU A 345 -13.71 -6.61 -26.99
CA GLU A 345 -13.32 -6.88 -25.62
C GLU A 345 -14.00 -6.04 -24.53
N VAL A 346 -14.68 -4.98 -24.94
CA VAL A 346 -15.21 -3.99 -24.03
C VAL A 346 -16.67 -3.67 -24.34
N GLY A 347 -17.12 -4.06 -25.54
CA GLY A 347 -18.49 -3.84 -26.00
C GLY A 347 -18.85 -2.37 -26.10
N GLU A 348 -17.82 -1.53 -26.03
CA GLU A 348 -17.96 -0.08 -26.12
C GLU A 348 -17.00 0.47 -27.18
N THR A 349 -17.29 1.69 -27.62
CA THR A 349 -16.42 2.41 -28.54
C THR A 349 -15.19 2.99 -27.85
N ILE A 350 -14.15 3.27 -28.63
CA ILE A 350 -13.00 4.01 -28.12
C ILE A 350 -13.49 5.34 -27.60
N HIS A 351 -14.26 6.05 -28.43
CA HIS A 351 -14.76 7.36 -28.05
C HIS A 351 -15.52 7.27 -26.75
N ALA A 352 -16.41 6.28 -26.67
CA ALA A 352 -17.18 6.02 -25.46
C ALA A 352 -16.29 5.77 -24.25
N MET A 353 -15.24 4.98 -24.42
CA MET A 353 -14.37 4.66 -23.28
C MET A 353 -13.54 5.86 -22.87
N ILE A 354 -13.09 6.67 -23.84
CA ILE A 354 -12.38 7.91 -23.52
C ILE A 354 -13.21 8.68 -22.49
N HIS A 355 -14.48 8.91 -22.82
CA HIS A 355 -15.40 9.65 -21.96
C HIS A 355 -15.84 8.97 -20.68
N ALA A 356 -15.98 7.65 -20.69
CA ALA A 356 -16.30 6.91 -19.45
C ALA A 356 -15.17 7.09 -18.44
N GLU A 357 -13.94 7.28 -18.94
CA GLU A 357 -12.77 7.43 -18.09
C GLU A 357 -12.57 8.84 -17.56
N LYS A 358 -12.98 9.85 -18.33
CA LYS A 358 -13.04 11.21 -17.82
C LYS A 358 -13.83 11.21 -16.53
N LEU A 359 -14.98 10.54 -16.56
CA LEU A 359 -15.85 10.41 -15.40
C LEU A 359 -15.12 9.70 -14.24
N GLU A 360 -14.42 8.62 -14.57
CA GLU A 360 -13.74 7.81 -13.57
C GLU A 360 -12.67 8.61 -12.86
N LYS A 361 -11.91 9.40 -13.62
CA LYS A 361 -10.91 10.29 -13.04
C LYS A 361 -11.61 11.20 -12.05
N ALA A 362 -12.68 11.84 -12.52
CA ALA A 362 -13.48 12.72 -11.69
C ALA A 362 -14.02 12.01 -10.45
N ARG A 363 -14.55 10.82 -10.61
CA ARG A 363 -15.10 10.09 -9.47
C ARG A 363 -14.01 9.80 -8.43
N SER A 364 -12.84 9.36 -8.89
CA SER A 364 -11.73 9.12 -7.99
C SER A 364 -11.36 10.35 -7.18
N LEU A 365 -11.16 11.49 -7.85
CA LEU A 365 -10.66 12.67 -7.17
C LEU A 365 -11.63 13.09 -6.08
N LEU A 366 -12.93 13.03 -6.35
CA LEU A 366 -13.94 13.24 -5.33
C LEU A 366 -13.64 12.35 -4.10
N ILE A 367 -13.24 11.10 -4.37
CA ILE A 367 -13.11 10.07 -3.34
C ILE A 367 -11.78 10.10 -2.58
N SER A 368 -10.73 10.51 -3.28
CA SER A 368 -9.37 10.36 -2.79
C SER A 368 -8.64 11.69 -2.60
N THR A 369 -9.34 12.80 -2.77
CA THR A 369 -8.68 14.08 -2.83
C THR A 369 -9.46 15.22 -2.17
N THR A 370 -8.75 16.33 -2.00
CA THR A 370 -9.23 17.45 -1.22
C THR A 370 -9.64 18.65 -2.11
N LEU A 371 -9.64 18.43 -3.42
CA LEU A 371 -9.93 19.50 -4.37
C LEU A 371 -11.38 19.94 -4.29
N SER A 372 -11.67 21.18 -4.68
CA SER A 372 -13.04 21.61 -4.79
C SER A 372 -13.65 20.95 -6.02
N ILE A 373 -14.97 20.78 -6.05
CA ILE A 373 -15.60 20.14 -7.20
C ILE A 373 -15.35 20.92 -8.48
N ASN A 374 -15.30 22.25 -8.37
CA ASN A 374 -15.01 23.11 -9.51
C ASN A 374 -13.65 22.72 -10.12
N GLU A 375 -12.66 22.58 -9.24
CA GLU A 375 -11.31 22.18 -9.64
C GLU A 375 -11.30 20.81 -10.31
N ILE A 376 -12.06 19.87 -9.75
CA ILE A 376 -12.14 18.52 -10.31
C ILE A 376 -12.71 18.57 -11.74
N SER A 377 -13.81 19.29 -11.91
CA SER A 377 -14.42 19.47 -13.22
C SER A 377 -13.40 19.99 -14.24
N GLN A 378 -12.71 21.08 -13.88
CA GLN A 378 -11.76 21.73 -14.78
C GLN A 378 -10.55 20.87 -15.08
N MET A 379 -9.95 20.27 -14.04
CA MET A 379 -8.79 19.42 -14.26
C MET A 379 -9.16 18.16 -15.08
N CYS A 380 -10.42 17.75 -15.03
CA CYS A 380 -10.86 16.56 -15.77
C CYS A 380 -11.34 16.92 -17.18
N GLY A 381 -11.06 18.15 -17.61
CA GLY A 381 -11.39 18.57 -18.97
C GLY A 381 -12.87 18.77 -19.28
N TYR A 382 -13.72 18.92 -18.27
CA TYR A 382 -15.13 19.25 -18.53
C TYR A 382 -15.31 20.72 -18.88
N PRO A 383 -16.26 21.03 -19.78
CA PRO A 383 -16.49 22.39 -20.26
C PRO A 383 -17.08 23.30 -19.22
N SER A 384 -17.95 22.75 -18.37
CA SER A 384 -18.53 23.50 -17.25
C SER A 384 -18.80 22.57 -16.08
N LEU A 385 -18.91 23.14 -14.89
CA LEU A 385 -19.23 22.35 -13.71
C LEU A 385 -20.68 21.82 -13.82
N GLN A 386 -21.54 22.58 -14.48
CA GLN A 386 -22.89 22.07 -14.69
C GLN A 386 -22.85 20.84 -15.60
N TYR A 387 -22.02 20.85 -16.64
CA TYR A 387 -21.99 19.70 -17.55
C TYR A 387 -21.54 18.42 -16.83
N PHE A 388 -20.48 18.53 -16.04
CA PHE A 388 -20.01 17.45 -15.19
C PHE A 388 -21.12 16.95 -14.25
N TYR A 389 -21.81 17.90 -13.61
CA TYR A 389 -22.91 17.58 -12.71
C TYR A 389 -23.88 16.68 -13.45
N SER A 390 -24.33 17.16 -14.62
CA SER A 390 -25.22 16.44 -15.55
C SER A 390 -24.74 15.02 -15.89
N VAL A 391 -23.52 14.93 -16.40
CA VAL A 391 -22.94 13.64 -16.75
C VAL A 391 -22.81 12.74 -15.50
N PHE A 392 -22.38 13.33 -14.39
CA PHE A 392 -22.15 12.55 -13.17
C PHE A 392 -23.45 11.99 -12.61
N LYS A 393 -24.50 12.81 -12.62
CA LYS A 393 -25.81 12.42 -12.09
C LYS A 393 -26.48 11.33 -12.94
N LYS A 394 -26.12 11.25 -14.21
CA LYS A 394 -26.58 10.18 -15.08
C LYS A 394 -25.92 8.84 -14.74
N ALA A 395 -24.60 8.83 -14.57
CA ALA A 395 -23.86 7.58 -14.41
C ALA A 395 -24.13 6.93 -13.07
N TYR A 396 -24.07 7.72 -12.01
CA TYR A 396 -24.39 7.28 -10.66
C TYR A 396 -25.61 8.13 -10.37
N ASP A 397 -26.31 7.90 -9.27
CA ASP A 397 -27.57 8.64 -9.16
C ASP A 397 -27.55 9.82 -8.22
N THR A 398 -26.51 9.89 -7.41
CA THR A 398 -26.34 11.01 -6.51
C THR A 398 -25.67 12.13 -7.29
N THR A 399 -25.35 13.23 -6.60
CA THR A 399 -24.64 14.36 -7.21
C THR A 399 -23.17 14.24 -6.83
N PRO A 400 -22.25 14.88 -7.59
CA PRO A 400 -20.85 14.88 -7.14
C PRO A 400 -20.73 15.14 -5.63
N LYS A 401 -21.44 16.16 -5.15
CA LYS A 401 -21.44 16.53 -3.73
C LYS A 401 -21.92 15.42 -2.78
N GLU A 402 -23.12 14.88 -3.04
CA GLU A 402 -23.67 13.75 -2.27
C GLU A 402 -22.70 12.58 -2.20
N TYR A 403 -22.18 12.20 -3.37
CA TYR A 403 -21.28 11.06 -3.53
C TYR A 403 -20.01 11.20 -2.71
N ARG A 404 -19.52 12.44 -2.61
CA ARG A 404 -18.37 12.73 -1.77
C ARG A 404 -18.64 12.46 -0.27
N ASP A 405 -19.77 12.94 0.27
CA ASP A 405 -20.09 12.74 1.68
C ASP A 405 -20.23 11.26 2.03
N VAL A 406 -20.90 10.51 1.15
CA VAL A 406 -21.17 9.09 1.41
C VAL A 406 -19.94 8.20 1.19
N ASN A 407 -19.02 8.62 0.33
CA ASN A 407 -17.94 7.73 -0.11
C ASN A 407 -16.49 8.21 0.09
N SER A 408 -16.29 9.34 0.75
CA SER A 408 -14.94 9.94 0.81
C SER A 408 -13.91 9.12 1.62
N GLU A 409 -12.63 9.29 1.24
CA GLU A 409 -11.49 8.51 1.80
C GLU A 409 -11.65 6.99 1.72
C1 XYS B . 7.76 -0.77 6.32
C2 XYS B . 7.10 -2.10 6.59
C3 XYS B . 6.75 -2.24 8.06
C4 XYS B . 8.05 -2.10 8.81
C5 XYS B . 8.55 -0.67 8.59
O1 XYS B . 6.80 0.27 6.35
O2 XYS B . 5.95 -2.29 5.77
O3 XYS B . 6.14 -3.49 8.32
O4 XYS B . 7.89 -2.40 10.18
O5 XYS B . 8.78 -0.51 7.19
#